data_1SW1
#
_entry.id   1SW1
#
_cell.length_a   64.400
_cell.length_b   78.400
_cell.length_c   67.800
_cell.angle_alpha   90.00
_cell.angle_beta   91.70
_cell.angle_gamma   90.00
#
_symmetry.space_group_name_H-M   'P 1 21 1'
#
loop_
_entity.id
_entity.type
_entity.pdbx_description
1 polymer 'osmoprotection protein (proX)'
2 non-polymer 'ZINC ION'
3 non-polymer 1,1-DIMETHYL-PROLINIUM
4 water water
#
_entity_poly.entity_id   1
_entity_poly.type   'polypeptide(L)'
_entity_poly.pdbx_seq_one_letter_code
;GSQSSERVVIGSKPFNEQYILAN(MSE)IAILLEENGYKAEVKEGLGGTLVNYEALKRNDIQLYVEYTGTAYNVILRKQP
PELWDQQYIFDEVKKGLLEADGVVVAAKLGFRDDYALAVRADWAEENGVEKISDLAEFADQLVFGSDPEFASRPDGLPQI
KKVYGFEFKEVKQ(MSE)EPTL(MSE)YEAIKNKQVDVIPAYTTDSRVDLFNLKILEDDKGALPPYDAIIIVNGNTAKDE
KLISVLKLLEDRIDTDT(MSE)RALNYQYDVEKKDAREIA(MSE)SFLKEQGLVK
;
_entity_poly.pdbx_strand_id   A,B
#
# COMPACT_ATOMS: atom_id res chain seq x y z
N GLU A 6 9.71 -25.30 20.06
CA GLU A 6 10.69 -25.07 18.98
C GLU A 6 11.52 -23.78 19.22
N ARG A 7 12.79 -23.86 18.83
CA ARG A 7 13.74 -22.76 18.90
C ARG A 7 13.72 -22.03 17.55
N VAL A 8 13.48 -20.72 17.55
CA VAL A 8 13.38 -19.97 16.29
C VAL A 8 14.41 -18.86 16.22
N VAL A 9 15.36 -18.96 15.31
CA VAL A 9 16.40 -17.97 15.23
C VAL A 9 16.05 -17.01 14.10
N ILE A 10 16.10 -15.71 14.40
CA ILE A 10 15.71 -14.64 13.47
C ILE A 10 16.96 -13.86 13.04
N GLY A 11 17.20 -13.76 11.74
CA GLY A 11 18.30 -12.99 11.23
C GLY A 11 18.09 -11.47 11.26
N SER A 12 19.13 -10.76 10.89
CA SER A 12 19.09 -9.31 10.87
C SER A 12 20.22 -8.77 10.03
N LYS A 13 19.91 -7.79 9.19
CA LYS A 13 20.88 -6.93 8.56
C LYS A 13 21.11 -5.81 9.56
N PRO A 14 22.21 -5.08 9.45
CA PRO A 14 22.62 -4.12 10.50
C PRO A 14 22.02 -2.70 10.49
N PHE A 15 20.75 -2.58 10.79
CA PHE A 15 20.18 -1.24 10.92
C PHE A 15 18.90 -1.29 11.67
N ASN A 16 18.53 -0.13 12.17
CA ASN A 16 17.40 0.10 13.03
C ASN A 16 16.25 -0.88 12.94
N GLU A 17 15.57 -0.91 11.80
CA GLU A 17 14.26 -1.56 11.76
C GLU A 17 14.43 -3.06 11.75
N GLN A 18 15.60 -3.50 11.32
CA GLN A 18 15.88 -4.93 11.38
C GLN A 18 15.92 -5.39 12.85
N TYR A 19 16.62 -4.62 13.67
CA TYR A 19 16.65 -4.94 15.09
C TYR A 19 15.29 -4.88 15.72
N ILE A 20 14.53 -3.84 15.37
CA ILE A 20 13.25 -3.66 15.98
C ILE A 20 12.27 -4.75 15.59
N LEU A 21 12.17 -5.03 14.30
CA LEU A 21 11.21 -6.02 13.83
C LEU A 21 11.59 -7.43 14.25
N ALA A 22 12.88 -7.72 14.24
CA ALA A 22 13.35 -9.06 14.68
C ALA A 22 12.94 -9.28 16.12
N ASN A 23 13.03 -8.24 16.94
CA ASN A 23 12.61 -8.34 18.33
C ASN A 23 11.11 -8.37 18.48
N ILE A 25 9.01 -9.70 16.28
CA ILE A 25 8.67 -11.08 15.95
C ILE A 25 9.03 -12.09 17.08
N ALA A 26 10.21 -11.94 17.65
CA ALA A 26 10.63 -12.74 18.81
C ALA A 26 9.59 -12.68 19.93
N ILE A 27 9.11 -11.49 20.25
CA ILE A 27 8.18 -11.31 21.36
C ILE A 27 6.88 -12.00 21.04
N LEU A 28 6.42 -11.83 19.80
CA LEU A 28 5.15 -12.43 19.43
C LEU A 28 5.23 -13.95 19.47
N LEU A 29 6.33 -14.49 18.97
CA LEU A 29 6.56 -15.93 18.96
C LEU A 29 6.66 -16.45 20.39
N GLU A 30 7.40 -15.73 21.25
CA GLU A 30 7.51 -16.08 22.67
C GLU A 30 6.14 -16.07 23.36
N GLU A 31 5.25 -15.17 22.95
CA GLU A 31 3.90 -15.14 23.54
C GLU A 31 3.03 -16.34 23.10
N ASN A 32 3.49 -17.05 22.07
CA ASN A 32 2.73 -18.17 21.55
C ASN A 32 3.46 -19.50 21.72
N GLY A 33 4.38 -19.56 22.70
CA GLY A 33 4.94 -20.82 23.15
C GLY A 33 6.31 -21.13 22.60
N TYR A 34 6.88 -20.25 21.80
CA TYR A 34 8.17 -20.51 21.18
C TYR A 34 9.31 -19.91 22.00
N LYS A 35 10.51 -20.42 21.76
CA LYS A 35 11.73 -19.81 22.25
C LYS A 35 12.34 -19.10 21.05
N ALA A 36 12.41 -17.78 21.08
CA ALA A 36 12.88 -17.06 19.91
C ALA A 36 14.11 -16.26 20.27
N GLU A 37 15.05 -16.17 19.34
CA GLU A 37 16.22 -15.31 19.54
C GLU A 37 16.59 -14.56 18.27
N VAL A 38 17.09 -13.35 18.48
CA VAL A 38 17.53 -12.50 17.40
C VAL A 38 19.01 -12.68 17.24
N LYS A 39 19.43 -13.01 16.02
CA LYS A 39 20.83 -13.17 15.68
C LYS A 39 21.36 -11.91 14.98
N GLU A 40 22.36 -11.28 15.57
CA GLU A 40 22.95 -10.04 15.04
C GLU A 40 24.37 -10.31 14.56
N GLY A 41 24.80 -9.60 13.52
CA GLY A 41 26.19 -9.65 13.11
C GLY A 41 26.56 -10.57 11.96
N LEU A 42 25.61 -11.34 11.44
CA LEU A 42 25.87 -12.20 10.29
C LEU A 42 26.39 -11.43 9.10
N GLY A 43 25.74 -10.29 8.83
CA GLY A 43 26.11 -9.47 7.70
C GLY A 43 24.85 -8.96 7.02
N GLY A 44 24.95 -8.81 5.70
CA GLY A 44 23.90 -8.24 4.90
C GLY A 44 22.97 -9.23 4.21
N THR A 45 22.40 -8.78 3.08
CA THR A 45 21.39 -9.55 2.39
C THR A 45 21.80 -10.97 2.06
N LEU A 46 22.89 -11.13 1.33
CA LEU A 46 23.24 -12.45 0.82
C LEU A 46 23.66 -13.41 1.94
N VAL A 47 24.34 -12.92 2.99
CA VAL A 47 24.72 -13.80 4.12
C VAL A 47 23.48 -14.24 4.91
N ASN A 48 22.51 -13.33 5.11
CA ASN A 48 21.27 -13.71 5.75
C ASN A 48 20.47 -14.73 4.92
N TYR A 49 20.34 -14.50 3.60
CA TYR A 49 19.59 -15.43 2.78
C TYR A 49 20.30 -16.80 2.78
N GLU A 50 21.62 -16.83 2.69
CA GLU A 50 22.34 -18.12 2.73
C GLU A 50 22.09 -18.85 4.04
N ALA A 51 22.10 -18.09 5.13
CA ALA A 51 21.83 -18.65 6.44
C ALA A 51 20.42 -19.17 6.54
N LEU A 52 19.47 -18.54 5.86
CA LEU A 52 18.09 -18.99 5.87
C LEU A 52 17.93 -20.31 5.09
N LYS A 53 18.63 -20.42 3.97
CA LYS A 53 18.53 -21.61 3.11
C LYS A 53 19.10 -22.83 3.85
N ARG A 54 20.22 -22.62 4.57
CA ARG A 54 20.89 -23.72 5.27
C ARG A 54 20.39 -23.95 6.70
N ASN A 55 19.30 -23.25 7.04
CA ASN A 55 18.65 -23.35 8.36
C ASN A 55 19.47 -22.91 9.58
N ASP A 56 20.51 -22.11 9.35
CA ASP A 56 21.19 -21.42 10.44
C ASP A 56 20.21 -20.45 11.11
N ILE A 57 19.38 -19.80 10.30
CA ILE A 57 18.26 -19.01 10.79
C ILE A 57 17.01 -19.52 10.15
N GLN A 58 15.89 -19.24 10.83
CA GLN A 58 14.61 -19.70 10.39
C GLN A 58 13.75 -18.66 9.62
N LEU A 59 14.01 -17.38 9.83
CA LEU A 59 13.28 -16.31 9.13
C LEU A 59 14.01 -14.99 9.31
N TYR A 60 13.74 -14.04 8.41
CA TYR A 60 14.22 -12.68 8.62
C TYR A 60 13.37 -11.74 7.78
N VAL A 61 13.61 -10.43 7.94
CA VAL A 61 12.90 -9.41 7.19
C VAL A 61 13.71 -8.99 5.98
N GLU A 62 13.14 -9.26 4.81
CA GLU A 62 13.74 -8.93 3.51
C GLU A 62 12.79 -7.91 2.83
N TYR A 63 13.18 -7.41 1.66
CA TYR A 63 12.44 -6.41 0.91
C TYR A 63 12.25 -6.90 -0.55
N THR A 64 11.07 -6.67 -1.11
CA THR A 64 10.75 -7.25 -2.43
C THR A 64 11.78 -6.90 -3.49
N GLY A 65 12.16 -5.63 -3.61
CA GLY A 65 13.12 -5.20 -4.63
C GLY A 65 14.49 -5.84 -4.51
N THR A 66 14.88 -6.11 -3.28
CA THR A 66 16.15 -6.78 -2.99
C THR A 66 16.07 -8.27 -3.38
N ALA A 67 14.98 -8.94 -3.01
CA ALA A 67 14.77 -10.32 -3.37
C ALA A 67 14.75 -10.52 -4.89
N TYR A 68 14.07 -9.62 -5.58
CA TYR A 68 13.99 -9.62 -7.03
C TYR A 68 15.35 -9.43 -7.70
N ASN A 69 16.08 -8.40 -7.31
CA ASN A 69 17.31 -8.06 -8.01
C ASN A 69 18.55 -8.76 -7.48
N VAL A 70 18.62 -8.95 -6.16
CA VAL A 70 19.87 -9.39 -5.56
C VAL A 70 19.87 -10.89 -5.39
N ILE A 71 18.77 -11.42 -4.88
CA ILE A 71 18.67 -12.82 -4.55
C ILE A 71 18.27 -13.62 -5.79
N LEU A 72 17.17 -13.24 -6.45
CA LEU A 72 16.63 -13.98 -7.60
C LEU A 72 17.34 -13.59 -8.88
N ARG A 73 18.12 -12.50 -8.81
CA ARG A 73 18.88 -12.00 -9.94
C ARG A 73 18.02 -11.90 -11.20
N LYS A 74 16.79 -11.39 -11.03
CA LYS A 74 15.85 -11.23 -12.12
C LYS A 74 16.12 -9.92 -12.89
N GLN A 75 15.67 -9.84 -14.12
CA GLN A 75 15.95 -8.68 -14.96
C GLN A 75 14.91 -7.59 -14.73
N PRO A 76 15.36 -6.36 -14.56
CA PRO A 76 14.42 -5.23 -14.42
C PRO A 76 13.41 -5.20 -15.58
N PRO A 77 12.13 -5.06 -15.29
CA PRO A 77 11.13 -4.88 -16.35
C PRO A 77 11.21 -3.44 -16.85
N GLU A 78 10.43 -3.10 -17.87
CA GLU A 78 10.49 -1.77 -18.45
C GLU A 78 10.03 -0.72 -17.43
N LEU A 79 9.02 -1.07 -16.62
CA LEU A 79 8.50 -0.19 -15.55
C LEU A 79 8.35 -1.00 -14.26
N TRP A 80 8.77 -0.44 -13.14
CA TRP A 80 8.62 -1.12 -11.86
C TRP A 80 7.19 -1.03 -11.36
N ASP A 81 6.61 -2.18 -11.04
CA ASP A 81 5.24 -2.24 -10.52
C ASP A 81 5.33 -2.99 -9.21
N GLN A 82 4.92 -2.35 -8.13
CA GLN A 82 5.11 -2.92 -6.80
C GLN A 82 4.48 -4.32 -6.65
N GLN A 83 3.22 -4.48 -7.06
CA GLN A 83 2.57 -5.75 -6.85
C GLN A 83 3.11 -6.81 -7.80
N TYR A 84 3.50 -6.44 -9.01
CA TYR A 84 4.11 -7.42 -9.89
C TYR A 84 5.37 -7.96 -9.23
N ILE A 85 6.21 -7.06 -8.71
CA ILE A 85 7.49 -7.47 -8.13
C ILE A 85 7.20 -8.37 -6.91
N PHE A 86 6.21 -8.02 -6.11
CA PHE A 86 5.81 -8.88 -4.98
C PHE A 86 5.45 -10.28 -5.46
N ASP A 87 4.53 -10.35 -6.41
CA ASP A 87 4.03 -11.60 -6.96
C ASP A 87 5.14 -12.48 -7.48
N GLU A 88 6.12 -11.88 -8.16
CA GLU A 88 7.24 -12.63 -8.75
C GLU A 88 8.28 -13.05 -7.72
N VAL A 89 8.45 -12.24 -6.67
CA VAL A 89 9.31 -12.65 -5.57
C VAL A 89 8.68 -13.83 -4.81
N LYS A 90 7.39 -13.78 -4.51
CA LYS A 90 6.74 -14.86 -3.77
C LYS A 90 6.83 -16.19 -4.55
N LYS A 91 6.50 -16.13 -5.83
CA LYS A 91 6.63 -17.28 -6.73
C LYS A 91 8.06 -17.71 -6.82
N GLY A 92 8.96 -16.77 -7.02
CA GLY A 92 10.34 -17.06 -7.33
C GLY A 92 11.15 -17.64 -6.17
N LEU A 93 10.87 -17.17 -4.96
CA LEU A 93 11.57 -17.67 -3.77
C LEU A 93 11.14 -19.10 -3.42
N LEU A 94 9.85 -19.36 -3.61
CA LEU A 94 9.27 -20.67 -3.40
C LEU A 94 9.85 -21.66 -4.39
N GLU A 95 9.81 -21.30 -5.67
CA GLU A 95 10.26 -22.19 -6.73
C GLU A 95 11.72 -22.50 -6.57
N ALA A 96 12.53 -21.52 -6.18
CA ALA A 96 13.98 -21.72 -6.15
C ALA A 96 14.47 -22.44 -4.89
N ASP A 97 13.96 -22.06 -3.73
CA ASP A 97 14.56 -22.58 -2.48
C ASP A 97 13.55 -23.05 -1.47
N GLY A 98 12.28 -23.09 -1.82
CA GLY A 98 11.25 -23.42 -0.86
C GLY A 98 10.87 -22.30 0.14
N VAL A 99 11.49 -21.13 -0.01
CA VAL A 99 11.25 -20.01 0.92
C VAL A 99 9.86 -19.43 0.73
N VAL A 100 9.18 -19.22 1.85
CA VAL A 100 7.83 -18.72 1.87
C VAL A 100 7.80 -17.25 2.31
N VAL A 101 7.07 -16.42 1.57
CA VAL A 101 6.75 -15.08 2.03
C VAL A 101 5.55 -15.16 2.98
N ALA A 102 5.83 -15.08 4.28
CA ALA A 102 4.78 -15.25 5.28
C ALA A 102 3.84 -14.07 5.38
N ALA A 103 4.40 -12.88 5.28
CA ALA A 103 3.63 -11.65 5.51
C ALA A 103 4.32 -10.45 4.90
N LYS A 104 3.49 -9.49 4.53
CA LYS A 104 3.88 -8.16 4.14
C LYS A 104 3.71 -7.30 5.39
N LEU A 105 4.74 -6.56 5.79
CA LEU A 105 4.67 -5.82 7.04
C LEU A 105 3.80 -4.54 6.92
N GLY A 106 3.73 -3.96 5.73
CA GLY A 106 2.94 -2.76 5.48
C GLY A 106 3.68 -1.48 5.12
N PHE A 107 5.00 -1.56 4.98
CA PHE A 107 5.78 -0.40 4.65
C PHE A 107 6.88 -0.68 3.63
N ARG A 108 7.25 0.35 2.88
CA ARG A 108 8.46 0.35 2.07
C ARG A 108 9.61 1.12 2.71
N ASP A 109 10.81 0.56 2.63
CA ASP A 109 12.03 1.25 2.99
C ASP A 109 12.92 1.18 1.77
N ASP A 110 12.83 2.22 0.93
CA ASP A 110 13.59 2.30 -0.30
C ASP A 110 14.96 2.96 -0.10
N TYR A 111 15.85 2.56 -0.97
CA TYR A 111 17.04 3.33 -1.25
C TYR A 111 16.57 4.59 -1.97
N ALA A 112 17.10 5.75 -1.54
CA ALA A 112 16.88 7.01 -2.22
C ALA A 112 18.15 7.83 -2.10
N LEU A 113 18.60 8.37 -3.23
CA LEU A 113 19.82 9.15 -3.24
C LEU A 113 19.53 10.50 -2.57
N ALA A 114 20.41 10.86 -1.65
CA ALA A 114 20.29 12.07 -0.85
C ALA A 114 21.57 12.85 -0.87
N VAL A 115 21.42 14.17 -0.90
CA VAL A 115 22.52 15.11 -0.81
C VAL A 115 22.16 16.16 0.25
N ARG A 116 23.11 17.03 0.55
CA ARG A 116 22.83 18.12 1.48
C ARG A 116 21.87 19.12 0.86
N ALA A 117 20.87 19.54 1.62
CA ALA A 117 19.84 20.40 1.06
C ALA A 117 20.36 21.77 0.63
N ASP A 118 21.34 22.32 1.34
CA ASP A 118 21.81 23.66 0.95
C ASP A 118 22.60 23.58 -0.38
N TRP A 119 23.37 22.53 -0.55
CA TRP A 119 24.05 22.31 -1.83
C TRP A 119 23.07 22.12 -2.97
N ALA A 120 22.04 21.30 -2.76
CA ALA A 120 21.04 21.06 -3.78
C ALA A 120 20.33 22.35 -4.17
N GLU A 121 19.99 23.15 -3.16
CA GLU A 121 19.25 24.38 -3.47
C GLU A 121 20.14 25.35 -4.26
N GLU A 122 21.41 25.42 -3.91
CA GLU A 122 22.34 26.29 -4.62
C GLU A 122 22.58 25.82 -6.06
N ASN A 123 22.46 24.53 -6.30
CA ASN A 123 22.79 24.02 -7.62
C ASN A 123 21.55 23.59 -8.44
N GLY A 124 20.37 23.86 -7.91
CA GLY A 124 19.14 23.48 -8.57
C GLY A 124 18.95 21.99 -8.74
N VAL A 125 19.48 21.20 -7.80
CA VAL A 125 19.38 19.75 -7.92
C VAL A 125 18.11 19.24 -7.21
N GLU A 126 17.23 18.57 -7.97
CA GLU A 126 16.01 17.95 -7.41
C GLU A 126 15.83 16.51 -7.77
N LYS A 127 16.45 16.08 -8.87
CA LYS A 127 16.30 14.70 -9.32
C LYS A 127 17.67 14.07 -9.62
N ILE A 128 17.73 12.76 -9.70
CA ILE A 128 19.01 12.09 -9.85
C ILE A 128 19.70 12.55 -11.15
N SER A 129 18.93 12.73 -12.22
CA SER A 129 19.55 13.13 -13.50
C SER A 129 20.17 14.55 -13.41
N ASP A 130 19.75 15.35 -12.44
CA ASP A 130 20.41 16.64 -12.22
C ASP A 130 21.82 16.47 -11.66
N LEU A 131 22.13 15.30 -11.10
CA LEU A 131 23.47 15.03 -10.60
C LEU A 131 24.52 14.86 -11.71
N ALA A 132 24.07 14.56 -12.93
CA ALA A 132 24.97 14.21 -14.03
C ALA A 132 26.06 15.27 -14.19
N GLU A 133 25.67 16.55 -14.15
CA GLU A 133 26.60 17.66 -14.25
C GLU A 133 27.78 17.62 -13.25
N PHE A 134 27.54 17.09 -12.07
CA PHE A 134 28.46 17.16 -10.93
C PHE A 134 29.08 15.85 -10.53
N ALA A 135 28.55 14.75 -11.06
CA ALA A 135 28.79 13.44 -10.48
C ALA A 135 30.27 13.08 -10.36
N ASP A 136 31.06 13.38 -11.39
CA ASP A 136 32.49 13.00 -11.36
C ASP A 136 33.33 13.86 -10.44
N GLN A 137 32.68 14.80 -9.73
CA GLN A 137 33.34 15.61 -8.69
C GLN A 137 32.77 15.31 -7.29
N LEU A 138 31.81 14.41 -7.18
CA LEU A 138 31.18 14.09 -5.89
C LEU A 138 31.64 12.75 -5.32
N VAL A 139 31.73 12.72 -3.98
CA VAL A 139 32.04 11.49 -3.25
C VAL A 139 30.76 10.80 -2.80
N PHE A 140 30.67 9.51 -3.10
CA PHE A 140 29.54 8.68 -2.76
C PHE A 140 29.85 7.88 -1.49
N GLY A 141 28.96 7.96 -0.51
CA GLY A 141 29.04 7.18 0.71
C GLY A 141 28.06 6.03 0.76
N SER A 142 28.54 4.85 0.41
CA SER A 142 27.71 3.69 0.41
C SER A 142 27.58 3.07 1.79
N ASP A 143 26.48 2.36 1.97
CA ASP A 143 26.35 1.33 2.98
C ASP A 143 27.18 0.10 2.55
N PRO A 144 27.15 -1.01 3.27
CA PRO A 144 28.02 -2.14 2.87
C PRO A 144 27.68 -2.79 1.52
N GLU A 145 26.51 -2.48 0.96
CA GLU A 145 26.01 -3.25 -0.18
C GLU A 145 25.74 -2.46 -1.46
N PHE A 146 25.33 -1.20 -1.32
CA PHE A 146 24.74 -0.46 -2.45
C PHE A 146 25.77 -0.28 -3.56
N ALA A 147 27.03 -0.14 -3.23
CA ALA A 147 28.02 0.07 -4.26
C ALA A 147 28.15 -1.11 -5.22
N SER A 148 27.93 -2.33 -4.73
CA SER A 148 28.22 -3.53 -5.51
C SER A 148 26.96 -4.26 -5.96
N ARG A 149 25.82 -3.96 -5.35
CA ARG A 149 24.59 -4.66 -5.71
C ARG A 149 24.17 -4.35 -7.15
N PRO A 150 23.50 -5.27 -7.81
CA PRO A 150 23.07 -5.03 -9.20
C PRO A 150 22.08 -3.87 -9.34
N ASP A 151 21.31 -3.59 -8.29
CA ASP A 151 20.34 -2.50 -8.27
C ASP A 151 20.88 -1.23 -7.60
N GLY A 152 22.18 -1.23 -7.34
CA GLY A 152 22.84 -0.08 -6.74
C GLY A 152 23.57 0.83 -7.71
N LEU A 153 24.82 1.12 -7.39
CA LEU A 153 25.57 2.03 -8.22
C LEU A 153 25.70 1.52 -9.66
N PRO A 154 25.82 0.21 -9.89
CA PRO A 154 25.80 -0.30 -11.28
C PRO A 154 24.53 0.06 -12.04
N GLN A 155 23.39 0.04 -11.37
CA GLN A 155 22.14 0.43 -11.97
C GLN A 155 22.01 1.96 -12.20
N ILE A 156 22.50 2.79 -11.25
CA ILE A 156 22.62 4.22 -11.47
C ILE A 156 23.54 4.53 -12.72
N LYS A 157 24.68 3.85 -12.80
CA LYS A 157 25.60 4.01 -13.94
C LYS A 157 24.91 3.74 -15.27
N LYS A 158 24.22 2.61 -15.33
CA LYS A 158 23.58 2.12 -16.54
C LYS A 158 22.40 2.96 -16.95
N VAL A 159 21.54 3.30 -15.98
CA VAL A 159 20.32 4.06 -16.28
C VAL A 159 20.58 5.55 -16.51
N TYR A 160 21.42 6.17 -15.69
CA TYR A 160 21.62 7.61 -15.71
C TYR A 160 22.91 8.01 -16.48
N GLY A 161 23.83 7.06 -16.62
CA GLY A 161 25.05 7.29 -17.39
C GLY A 161 26.17 8.02 -16.73
N PHE A 162 26.31 7.87 -15.40
CA PHE A 162 27.41 8.47 -14.70
C PHE A 162 27.88 7.64 -13.48
N GLU A 163 29.10 7.94 -13.07
CA GLU A 163 29.75 7.33 -11.90
C GLU A 163 30.27 8.47 -11.07
N PHE A 164 30.33 8.28 -9.76
CA PHE A 164 30.83 9.30 -8.88
C PHE A 164 32.37 9.27 -8.86
N LYS A 165 32.98 10.33 -8.36
CA LYS A 165 34.43 10.49 -8.28
C LYS A 165 35.07 9.44 -7.38
N GLU A 166 34.42 9.12 -6.26
CA GLU A 166 35.02 8.24 -5.26
C GLU A 166 33.86 7.55 -4.54
N VAL A 167 34.05 6.28 -4.17
CA VAL A 167 33.07 5.54 -3.37
C VAL A 167 33.73 5.11 -2.05
N LYS A 168 33.09 5.47 -0.92
CA LYS A 168 33.47 5.01 0.41
C LYS A 168 32.35 4.12 0.93
N GLN A 169 32.68 3.03 1.62
CA GLN A 169 31.65 2.18 2.22
C GLN A 169 31.74 2.27 3.72
N GLU A 171 29.16 1.29 7.61
CA GLU A 171 27.95 0.66 8.17
C GLU A 171 26.77 1.60 7.96
N PRO A 172 25.55 1.11 7.82
CA PRO A 172 24.42 2.00 7.44
C PRO A 172 24.24 3.25 8.30
N THR A 173 24.32 3.11 9.62
CA THR A 173 23.96 4.22 10.48
C THR A 173 24.95 5.38 10.40
N LEU A 174 26.18 5.12 9.97
CA LEU A 174 27.21 6.13 9.83
C LEU A 174 27.03 7.04 8.61
N TYR A 176 24.55 8.99 7.62
CA TYR A 176 23.87 10.25 7.84
C TYR A 176 24.81 11.31 8.43
N GLU A 177 25.62 10.93 9.41
CA GLU A 177 26.58 11.90 9.95
C GLU A 177 27.68 12.19 8.93
N ALA A 178 28.05 11.20 8.14
CA ALA A 178 29.13 11.38 7.18
C ALA A 178 28.80 12.42 6.14
N ILE A 179 27.57 12.40 5.62
CA ILE A 179 27.17 13.34 4.62
C ILE A 179 26.93 14.71 5.27
N LYS A 180 26.33 14.74 6.46
CA LYS A 180 26.13 16.01 7.14
C LYS A 180 27.46 16.72 7.37
N ASN A 181 28.46 15.94 7.73
CA ASN A 181 29.77 16.49 8.08
C ASN A 181 30.72 16.59 6.87
N LYS A 182 30.16 16.38 5.68
CA LYS A 182 30.87 16.58 4.41
C LYS A 182 32.05 15.63 4.17
N GLN A 183 32.08 14.50 4.87
CA GLN A 183 32.98 13.40 4.53
C GLN A 183 32.59 12.78 3.17
N VAL A 184 31.29 12.79 2.87
CA VAL A 184 30.81 12.35 1.56
C VAL A 184 29.80 13.38 1.04
N ASP A 185 29.38 13.27 -0.21
CA ASP A 185 28.43 14.23 -0.80
C ASP A 185 27.07 13.63 -1.17
N VAL A 186 27.02 12.31 -1.35
CA VAL A 186 25.80 11.60 -1.76
C VAL A 186 25.73 10.28 -1.01
N ILE A 187 24.53 9.90 -0.53
CA ILE A 187 24.30 8.61 0.08
C ILE A 187 23.03 7.98 -0.43
N PRO A 188 22.95 6.66 -0.35
CA PRO A 188 21.71 5.92 -0.57
C PRO A 188 21.00 5.79 0.74
N ALA A 189 20.35 6.89 1.11
CA ALA A 189 19.60 6.98 2.32
C ALA A 189 18.45 5.95 2.32
N TYR A 190 18.08 5.51 3.51
CA TYR A 190 16.94 4.63 3.68
C TYR A 190 15.73 5.51 3.93
N THR A 191 14.64 5.33 3.18
CA THR A 191 13.50 6.24 3.35
C THR A 191 12.76 6.14 4.67
N THR A 192 12.98 5.09 5.49
CA THR A 192 12.37 5.07 6.81
C THR A 192 13.22 5.73 7.88
N ASP A 193 14.27 6.43 7.47
CA ASP A 193 15.14 7.09 8.45
C ASP A 193 14.94 8.61 8.49
N SER A 194 14.41 9.11 9.61
CA SER A 194 14.12 10.54 9.73
C SER A 194 15.37 11.40 9.85
N ARG A 195 16.55 10.79 9.99
CA ARG A 195 17.75 11.60 10.00
C ARG A 195 17.97 12.33 8.65
N VAL A 196 17.30 11.87 7.60
CA VAL A 196 17.31 12.65 6.36
C VAL A 196 16.82 14.10 6.59
N ASP A 197 15.65 14.24 7.22
CA ASP A 197 15.11 15.55 7.59
C ASP A 197 15.94 16.22 8.69
N LEU A 198 16.28 15.45 9.74
CA LEU A 198 16.91 16.04 10.93
C LEU A 198 18.28 16.72 10.59
N PHE A 199 19.03 16.08 9.70
CA PHE A 199 20.36 16.58 9.27
C PHE A 199 20.35 17.43 8.01
N ASN A 200 19.16 17.87 7.60
CA ASN A 200 18.97 18.78 6.49
C ASN A 200 19.45 18.23 5.15
N LEU A 201 19.05 16.99 4.84
CA LEU A 201 19.40 16.33 3.59
C LEU A 201 18.21 16.43 2.66
N LYS A 202 18.44 16.25 1.38
CA LYS A 202 17.37 16.26 0.39
C LYS A 202 17.40 14.97 -0.42
N ILE A 203 16.31 14.19 -0.33
CA ILE A 203 16.10 13.00 -1.19
C ILE A 203 15.75 13.48 -2.59
N LEU A 204 16.38 12.87 -3.59
CA LEU A 204 16.21 13.28 -4.98
C LEU A 204 15.23 12.35 -5.64
N GLU A 205 14.43 12.91 -6.55
CA GLU A 205 13.53 12.10 -7.35
C GLU A 205 14.26 11.16 -8.29
N ASP A 206 13.83 9.91 -8.32
CA ASP A 206 14.39 8.90 -9.21
C ASP A 206 13.63 8.99 -10.55
N ASP A 207 14.00 10.00 -11.32
CA ASP A 207 13.19 10.41 -12.46
C ASP A 207 13.20 9.46 -13.66
N LYS A 208 14.24 8.63 -13.78
CA LYS A 208 14.30 7.62 -14.83
C LYS A 208 13.92 6.22 -14.32
N GLY A 209 13.46 6.13 -13.08
CA GLY A 209 12.90 4.88 -12.56
C GLY A 209 13.91 3.75 -12.45
N ALA A 210 15.12 4.09 -11.99
CA ALA A 210 16.18 3.13 -11.83
C ALA A 210 15.93 2.13 -10.70
N LEU A 211 15.38 2.58 -9.58
CA LEU A 211 15.33 1.71 -8.41
C LEU A 211 13.95 1.13 -8.18
N PRO A 212 13.91 -0.15 -7.80
CA PRO A 212 12.63 -0.85 -7.58
C PRO A 212 11.99 -0.44 -6.27
N PRO A 213 10.77 -0.89 -6.03
CA PRO A 213 10.13 -0.70 -4.72
C PRO A 213 10.71 -1.72 -3.76
N TYR A 214 10.85 -1.33 -2.50
CA TYR A 214 11.38 -2.26 -1.50
C TYR A 214 10.38 -2.47 -0.36
N ASP A 215 9.37 -3.30 -0.59
CA ASP A 215 8.34 -3.58 0.39
C ASP A 215 8.84 -4.64 1.39
N ALA A 216 8.75 -4.33 2.67
CA ALA A 216 9.26 -5.24 3.72
C ALA A 216 8.38 -6.45 3.86
N ILE A 217 9.02 -7.62 3.89
CA ILE A 217 8.31 -8.88 3.94
C ILE A 217 8.99 -9.85 4.92
N ILE A 218 8.22 -10.67 5.63
CA ILE A 218 8.82 -11.73 6.44
C ILE A 218 9.02 -13.00 5.59
N ILE A 219 10.26 -13.45 5.42
CA ILE A 219 10.51 -14.67 4.69
C ILE A 219 11.02 -15.77 5.63
N VAL A 220 10.57 -17.00 5.35
CA VAL A 220 10.71 -18.13 6.24
C VAL A 220 11.24 -19.31 5.39
N ASN A 221 12.17 -20.10 5.91
CA ASN A 221 12.62 -21.26 5.11
C ASN A 221 11.58 -22.38 5.06
N GLY A 222 11.75 -23.29 4.11
CA GLY A 222 10.70 -24.25 3.78
C GLY A 222 10.27 -25.11 4.94
N ASN A 223 11.24 -25.58 5.70
CA ASN A 223 10.96 -26.52 6.77
C ASN A 223 10.25 -25.81 7.92
N THR A 224 10.67 -24.61 8.26
CA THR A 224 9.99 -23.83 9.28
C THR A 224 8.54 -23.50 8.86
N ALA A 225 8.32 -23.29 7.57
CA ALA A 225 7.00 -22.87 7.09
C ALA A 225 5.95 -23.97 7.15
N LYS A 226 6.39 -25.23 7.25
CA LYS A 226 5.48 -26.34 7.50
C LYS A 226 4.77 -26.21 8.85
N ASP A 227 5.29 -25.35 9.73
CA ASP A 227 4.68 -25.10 11.03
C ASP A 227 3.60 -24.05 10.94
N GLU A 228 2.35 -24.51 10.83
CA GLU A 228 1.21 -23.61 10.58
C GLU A 228 0.91 -22.65 11.74
N LYS A 229 1.15 -23.08 12.96
CA LYS A 229 0.96 -22.21 14.11
C LYS A 229 1.93 -21.03 14.02
N LEU A 230 3.21 -21.33 13.76
CA LEU A 230 4.24 -20.32 13.61
C LEU A 230 3.93 -19.33 12.48
N ILE A 231 3.56 -19.85 11.30
CA ILE A 231 3.15 -18.96 10.19
C ILE A 231 2.03 -18.03 10.61
N SER A 232 1.03 -18.54 11.33
CA SER A 232 -0.11 -17.73 11.68
C SER A 232 0.20 -16.61 12.70
N VAL A 233 1.26 -16.78 13.49
CA VAL A 233 1.72 -15.74 14.40
C VAL A 233 2.36 -14.65 13.57
N LEU A 234 3.16 -15.04 12.60
CA LEU A 234 3.79 -14.08 11.71
C LEU A 234 2.74 -13.21 11.01
N LYS A 235 1.60 -13.80 10.65
CA LYS A 235 0.56 -13.11 9.85
C LYS A 235 -0.24 -12.10 10.69
N LEU A 236 -0.06 -12.16 12.01
CA LEU A 236 -0.63 -11.13 12.85
C LEU A 236 -0.06 -9.75 12.51
N LEU A 237 1.14 -9.72 11.94
CA LEU A 237 1.76 -8.46 11.53
C LEU A 237 1.42 -8.00 10.10
N GLU A 238 0.59 -8.75 9.36
CA GLU A 238 0.20 -8.39 7.97
C GLU A 238 -0.31 -6.95 7.92
N ASP A 239 0.41 -6.13 7.14
CA ASP A 239 0.07 -4.72 6.89
C ASP A 239 -0.03 -3.82 8.15
N ARG A 240 0.46 -4.28 9.29
CA ARG A 240 0.28 -3.56 10.55
C ARG A 240 1.24 -2.40 10.77
N ILE A 241 2.33 -2.35 10.03
CA ILE A 241 3.36 -1.32 10.22
C ILE A 241 3.54 -0.47 8.97
N ASP A 242 3.03 0.77 8.98
CA ASP A 242 3.18 1.65 7.84
C ASP A 242 4.48 2.43 7.95
N THR A 243 4.79 3.18 6.92
CA THR A 243 6.08 3.88 6.85
C THR A 243 6.26 4.92 7.94
N ASP A 244 5.22 5.70 8.25
CA ASP A 244 5.35 6.70 9.31
C ASP A 244 5.56 6.03 10.68
N THR A 245 4.91 4.88 10.90
CA THR A 245 5.15 4.13 12.13
C THR A 245 6.61 3.62 12.18
N ARG A 247 9.23 4.74 10.68
CA ARG A 247 10.08 5.90 10.88
C ARG A 247 10.13 6.34 12.36
N ALA A 248 8.98 6.39 13.01
CA ALA A 248 8.88 6.78 14.43
C ALA A 248 9.69 5.81 15.29
N LEU A 249 9.53 4.53 15.04
CA LEU A 249 10.22 3.50 15.81
C LEU A 249 11.72 3.57 15.61
N ASN A 250 12.14 3.75 14.36
CA ASN A 250 13.54 3.95 14.03
C ASN A 250 14.17 5.15 14.76
N TYR A 251 13.46 6.25 14.82
CA TYR A 251 13.90 7.42 15.54
C TYR A 251 14.17 7.08 17.01
N GLN A 252 13.29 6.31 17.61
CA GLN A 252 13.46 5.91 19.00
C GLN A 252 14.75 5.11 19.18
N TYR A 253 15.15 4.36 18.14
CA TYR A 253 16.40 3.63 18.15
C TYR A 253 17.62 4.51 17.85
N ASP A 254 17.62 5.30 16.76
CA ASP A 254 18.86 5.98 16.39
C ASP A 254 19.15 7.27 17.15
N VAL A 255 18.10 7.97 17.55
CA VAL A 255 18.23 9.27 18.20
C VAL A 255 17.98 9.15 19.70
N GLU A 256 16.90 8.49 20.11
CA GLU A 256 16.56 8.36 21.53
C GLU A 256 17.42 7.30 22.23
N LYS A 257 18.07 6.46 21.45
CA LYS A 257 18.97 5.39 21.91
C LYS A 257 18.29 4.37 22.77
N LYS A 258 17.01 4.12 22.52
CA LYS A 258 16.28 3.10 23.25
C LYS A 258 16.63 1.71 22.72
N ASP A 259 16.53 0.71 23.58
CA ASP A 259 16.84 -0.68 23.24
C ASP A 259 15.82 -1.23 22.24
N ALA A 260 16.27 -1.96 21.23
CA ALA A 260 15.35 -2.47 20.21
C ALA A 260 14.22 -3.30 20.81
N ARG A 261 14.53 -4.14 21.80
CA ARG A 261 13.50 -4.95 22.44
C ARG A 261 12.40 -4.14 23.09
N GLU A 262 12.80 -3.06 23.77
CA GLU A 262 11.84 -2.20 24.44
C GLU A 262 10.99 -1.37 23.43
N ILE A 263 11.58 -0.96 22.33
CA ILE A 263 10.82 -0.21 21.29
C ILE A 263 9.74 -1.11 20.73
N ALA A 264 10.11 -2.36 20.43
CA ALA A 264 9.18 -3.36 19.90
C ALA A 264 8.08 -3.69 20.91
N SER A 266 6.98 -1.82 23.45
CA SER A 266 6.07 -0.66 23.54
C SER A 266 5.06 -0.60 22.41
N PHE A 267 5.50 -0.85 21.18
CA PHE A 267 4.60 -0.82 20.04
C PHE A 267 3.53 -1.92 20.12
N LEU A 268 3.96 -3.13 20.48
CA LEU A 268 3.03 -4.27 20.56
C LEU A 268 1.93 -4.05 21.59
N LYS A 269 2.29 -3.47 22.72
CA LYS A 269 1.36 -3.12 23.78
C LYS A 269 0.36 -2.04 23.34
N GLU A 270 0.85 -0.99 22.68
CA GLU A 270 -0.02 0.11 22.19
C GLU A 270 -1.01 -0.37 21.14
N GLN A 271 -0.60 -1.32 20.31
CA GLN A 271 -1.46 -1.84 19.25
C GLN A 271 -2.34 -3.00 19.72
N GLY A 272 -2.20 -3.40 20.98
CA GLY A 272 -3.02 -4.44 21.57
C GLY A 272 -2.57 -5.84 21.19
N LEU A 273 -1.40 -5.98 20.59
CA LEU A 273 -0.94 -7.29 20.15
C LEU A 273 -0.36 -8.11 21.30
N VAL A 274 0.03 -7.45 22.39
CA VAL A 274 0.30 -8.13 23.67
C VAL A 274 -0.39 -7.31 24.77
N LYS A 275 -0.99 -7.97 25.77
CA LYS A 275 -1.83 -7.24 26.75
C LYS A 275 -1.00 -6.49 27.79
N GLU B 6 -22.50 -25.05 0.98
CA GLU B 6 -23.07 -23.72 1.37
C GLU B 6 -23.40 -22.88 0.12
N ARG B 7 -24.50 -22.12 0.18
CA ARG B 7 -24.86 -21.11 -0.84
C ARG B 7 -24.47 -19.71 -0.36
N VAL B 8 -23.65 -19.01 -1.14
CA VAL B 8 -23.10 -17.74 -0.70
C VAL B 8 -23.56 -16.60 -1.60
N VAL B 9 -24.26 -15.64 -1.02
CA VAL B 9 -24.76 -14.51 -1.77
C VAL B 9 -23.87 -13.29 -1.51
N ILE B 10 -23.35 -12.73 -2.59
CA ILE B 10 -22.38 -11.62 -2.55
C ILE B 10 -23.10 -10.36 -3.01
N GLY B 11 -23.02 -9.32 -2.20
CA GLY B 11 -23.62 -8.05 -2.53
C GLY B 11 -22.79 -7.24 -3.51
N SER B 12 -23.34 -6.11 -3.92
CA SER B 12 -22.66 -5.21 -4.82
C SER B 12 -23.33 -3.83 -4.81
N LYS B 13 -22.50 -2.80 -4.83
CA LYS B 13 -22.93 -1.44 -5.12
C LYS B 13 -22.89 -1.31 -6.65
N PRO B 14 -23.53 -0.30 -7.22
CA PRO B 14 -23.71 -0.26 -8.68
C PRO B 14 -22.61 0.38 -9.52
N PHE B 15 -21.44 -0.27 -9.62
CA PHE B 15 -20.39 0.22 -10.49
C PHE B 15 -19.35 -0.84 -10.77
N ASN B 16 -18.61 -0.63 -11.86
CA ASN B 16 -17.66 -1.55 -12.44
C ASN B 16 -16.99 -2.56 -11.49
N GLU B 17 -16.18 -2.08 -10.57
CA GLU B 17 -15.31 -2.98 -9.83
C GLU B 17 -16.10 -3.82 -8.86
N GLN B 18 -17.26 -3.34 -8.47
CA GLN B 18 -18.14 -4.12 -7.59
C GLN B 18 -18.65 -5.38 -8.33
N TYR B 19 -19.13 -5.20 -9.55
CA TYR B 19 -19.48 -6.34 -10.42
C TYR B 19 -18.31 -7.29 -10.65
N ILE B 20 -17.17 -6.71 -10.97
CA ILE B 20 -16.03 -7.53 -11.33
C ILE B 20 -15.55 -8.33 -10.13
N LEU B 21 -15.37 -7.64 -9.01
CA LEU B 21 -14.85 -8.31 -7.80
C LEU B 21 -15.86 -9.32 -7.24
N ALA B 22 -17.13 -8.97 -7.24
CA ALA B 22 -18.16 -9.91 -6.76
C ALA B 22 -18.15 -11.21 -7.58
N ASN B 23 -17.94 -11.08 -8.89
CA ASN B 23 -17.85 -12.23 -9.76
C ASN B 23 -16.54 -13.00 -9.58
N ILE B 25 -14.83 -13.19 -6.69
CA ILE B 25 -15.04 -13.98 -5.46
C ILE B 25 -16.00 -15.18 -5.72
N ALA B 26 -17.07 -14.97 -6.47
CA ALA B 26 -17.97 -16.05 -6.84
C ALA B 26 -17.21 -17.21 -7.50
N ILE B 27 -16.36 -16.89 -8.48
CA ILE B 27 -15.61 -17.90 -9.22
C ILE B 27 -14.70 -18.67 -8.27
N LEU B 28 -13.93 -17.95 -7.46
CA LEU B 28 -13.02 -18.61 -6.51
C LEU B 28 -13.73 -19.54 -5.50
N LEU B 29 -14.88 -19.09 -4.99
CA LEU B 29 -15.67 -19.90 -4.08
C LEU B 29 -16.19 -21.12 -4.84
N GLU B 30 -16.69 -20.91 -6.05
CA GLU B 30 -17.15 -22.03 -6.88
C GLU B 30 -16.04 -23.06 -7.10
N GLU B 31 -14.79 -22.62 -7.26
CA GLU B 31 -13.70 -23.55 -7.48
C GLU B 31 -13.34 -24.32 -6.23
N ASN B 32 -13.85 -23.89 -5.08
CA ASN B 32 -13.55 -24.52 -3.80
C ASN B 32 -14.80 -25.16 -3.17
N GLY B 33 -15.77 -25.49 -4.02
CA GLY B 33 -16.90 -26.32 -3.62
C GLY B 33 -18.15 -25.60 -3.18
N TYR B 34 -18.17 -24.28 -3.31
CA TYR B 34 -19.34 -23.51 -2.92
C TYR B 34 -20.22 -23.21 -4.12
N LYS B 35 -21.47 -22.93 -3.82
CA LYS B 35 -22.37 -22.35 -4.79
C LYS B 35 -22.42 -20.85 -4.43
N ALA B 36 -22.04 -19.99 -5.37
CA ALA B 36 -22.02 -18.56 -5.08
C ALA B 36 -22.81 -17.83 -6.12
N GLU B 37 -23.46 -16.76 -5.71
CA GLU B 37 -24.14 -15.86 -6.64
C GLU B 37 -23.97 -14.39 -6.27
N VAL B 38 -23.90 -13.58 -7.31
CA VAL B 38 -23.77 -12.15 -7.16
C VAL B 38 -25.16 -11.55 -7.21
N LYS B 39 -25.46 -10.78 -6.17
CA LYS B 39 -26.72 -10.06 -6.06
C LYS B 39 -26.54 -8.61 -6.51
N GLU B 40 -27.25 -8.23 -7.56
CA GLU B 40 -27.19 -6.86 -8.08
C GLU B 40 -28.49 -6.14 -7.79
N GLY B 41 -28.39 -4.82 -7.61
CA GLY B 41 -29.56 -3.97 -7.54
C GLY B 41 -30.14 -3.67 -6.17
N LEU B 42 -29.52 -4.19 -5.10
CA LEU B 42 -29.94 -3.83 -3.75
C LEU B 42 -29.89 -2.31 -3.54
N GLY B 43 -28.80 -1.69 -3.98
CA GLY B 43 -28.57 -0.28 -3.72
C GLY B 43 -27.13 -0.01 -3.34
N GLY B 44 -26.95 1.00 -2.48
CA GLY B 44 -25.62 1.49 -2.12
C GLY B 44 -25.04 0.96 -0.83
N THR B 45 -24.21 1.78 -0.19
CA THR B 45 -23.48 1.34 1.01
C THR B 45 -24.38 0.84 2.13
N LEU B 46 -25.29 1.69 2.56
CA LEU B 46 -26.12 1.39 3.71
C LEU B 46 -27.02 0.18 3.50
N VAL B 47 -27.60 0.05 2.30
CA VAL B 47 -28.52 -1.09 2.04
C VAL B 47 -27.73 -2.41 1.97
N ASN B 48 -26.52 -2.37 1.40
CA ASN B 48 -25.69 -3.56 1.37
C ASN B 48 -25.27 -3.95 2.80
N TYR B 49 -24.90 -2.98 3.62
CA TYR B 49 -24.41 -3.29 4.95
C TYR B 49 -25.55 -3.85 5.81
N GLU B 50 -26.77 -3.32 5.64
CA GLU B 50 -27.93 -3.84 6.38
C GLU B 50 -28.24 -5.28 5.96
N ALA B 51 -28.17 -5.53 4.66
CA ALA B 51 -28.40 -6.86 4.11
C ALA B 51 -27.37 -7.83 4.66
N LEU B 52 -26.13 -7.34 4.85
CA LEU B 52 -25.09 -8.20 5.36
C LEU B 52 -25.39 -8.59 6.82
N LYS B 53 -25.78 -7.60 7.61
CA LYS B 53 -26.07 -7.78 9.04
C LYS B 53 -27.25 -8.75 9.26
N ARG B 54 -28.21 -8.70 8.35
CA ARG B 54 -29.41 -9.53 8.42
C ARG B 54 -29.32 -10.83 7.66
N ASN B 55 -28.13 -11.10 7.14
CA ASN B 55 -27.84 -12.32 6.37
C ASN B 55 -28.59 -12.52 5.08
N ASP B 56 -29.11 -11.43 4.51
CA ASP B 56 -29.63 -11.44 3.16
C ASP B 56 -28.49 -11.64 2.16
N ILE B 57 -27.32 -11.11 2.49
CA ILE B 57 -26.06 -11.45 1.82
C ILE B 57 -25.05 -11.88 2.86
N GLN B 58 -24.00 -12.57 2.42
CA GLN B 58 -22.98 -13.11 3.30
C GLN B 58 -21.64 -12.32 3.27
N LEU B 59 -21.40 -11.58 2.18
CA LEU B 59 -20.20 -10.73 2.12
C LEU B 59 -20.35 -9.72 0.99
N TYR B 60 -19.58 -8.63 1.03
CA TYR B 60 -19.46 -7.75 -0.11
C TYR B 60 -18.15 -6.95 0.03
N VAL B 61 -17.80 -6.19 -1.01
CA VAL B 61 -16.61 -5.35 -1.02
C VAL B 61 -16.96 -3.94 -0.59
N GLU B 62 -16.38 -3.55 0.54
CA GLU B 62 -16.57 -2.24 1.16
C GLU B 62 -15.19 -1.52 1.13
N TYR B 63 -15.15 -0.26 1.61
CA TYR B 63 -13.93 0.58 1.56
C TYR B 63 -13.70 1.15 2.94
N THR B 64 -12.44 1.17 3.40
CA THR B 64 -12.16 1.58 4.77
C THR B 64 -12.77 2.92 5.14
N GLY B 65 -12.57 3.97 4.32
CA GLY B 65 -13.06 5.30 4.67
C GLY B 65 -14.58 5.35 4.79
N THR B 66 -15.23 4.54 3.98
CA THR B 66 -16.71 4.46 4.00
C THR B 66 -17.20 3.79 5.29
N ALA B 67 -16.55 2.70 5.66
CA ALA B 67 -16.90 2.00 6.89
C ALA B 67 -16.67 2.87 8.11
N TYR B 68 -15.60 3.65 8.09
CA TYR B 68 -15.28 4.57 9.17
C TYR B 68 -16.30 5.69 9.29
N ASN B 69 -16.61 6.33 8.18
CA ASN B 69 -17.40 7.51 8.24
C ASN B 69 -18.90 7.24 8.13
N VAL B 70 -19.29 6.32 7.25
CA VAL B 70 -20.69 6.14 6.92
C VAL B 70 -21.33 5.09 7.80
N ILE B 71 -20.65 3.96 7.96
CA ILE B 71 -21.21 2.82 8.66
C ILE B 71 -21.00 2.98 10.17
N LEU B 72 -19.76 3.21 10.59
CA LEU B 72 -19.44 3.33 12.01
C LEU B 72 -19.72 4.73 12.54
N ARG B 73 -19.84 5.68 11.62
CA ARG B 73 -20.13 7.07 11.97
C ARG B 73 -19.13 7.61 13.00
N LYS B 74 -17.85 7.33 12.75
CA LYS B 74 -16.80 7.81 13.61
C LYS B 74 -16.37 9.21 13.22
N GLN B 75 -15.73 9.90 14.15
CA GLN B 75 -15.37 11.29 13.91
C GLN B 75 -14.01 11.37 13.21
N PRO B 76 -13.90 12.22 12.20
CA PRO B 76 -12.63 12.38 11.50
C PRO B 76 -11.53 12.81 12.46
N PRO B 77 -10.37 12.15 12.39
CA PRO B 77 -9.23 12.57 13.19
C PRO B 77 -8.61 13.83 12.57
N GLU B 78 -7.62 14.43 13.24
CA GLU B 78 -7.02 15.68 12.73
C GLU B 78 -6.31 15.44 11.40
N LEU B 79 -5.71 14.26 11.25
CA LEU B 79 -5.03 13.87 10.02
C LEU B 79 -5.40 12.44 9.61
N TRP B 80 -5.77 12.21 8.35
CA TRP B 80 -6.11 10.87 7.90
C TRP B 80 -4.85 10.01 7.74
N ASP B 81 -4.88 8.85 8.35
CA ASP B 81 -3.78 7.88 8.24
C ASP B 81 -4.41 6.55 7.79
N GLN B 82 -4.00 6.06 6.63
CA GLN B 82 -4.59 4.87 6.02
C GLN B 82 -4.62 3.63 6.93
N GLN B 83 -3.48 3.30 7.54
CA GLN B 83 -3.47 2.11 8.37
C GLN B 83 -4.27 2.30 9.68
N TYR B 84 -4.26 3.50 10.27
CA TYR B 84 -5.06 3.74 11.46
C TYR B 84 -6.56 3.50 11.13
N ILE B 85 -7.02 4.04 10.01
CA ILE B 85 -8.40 3.91 9.62
C ILE B 85 -8.71 2.43 9.44
N PHE B 86 -7.83 1.71 8.78
CA PHE B 86 -8.04 0.27 8.58
C PHE B 86 -8.20 -0.45 9.94
N ASP B 87 -7.27 -0.19 10.86
CA ASP B 87 -7.22 -0.82 12.17
C ASP B 87 -8.54 -0.54 12.90
N GLU B 88 -9.03 0.71 12.84
CA GLU B 88 -10.22 1.11 13.56
C GLU B 88 -11.47 0.52 12.93
N VAL B 89 -11.49 0.41 11.61
CA VAL B 89 -12.59 -0.22 10.94
C VAL B 89 -12.67 -1.70 11.32
N LYS B 90 -11.55 -2.41 11.29
CA LYS B 90 -11.56 -3.85 11.57
C LYS B 90 -12.05 -4.10 13.01
N LYS B 91 -11.51 -3.33 13.93
CA LYS B 91 -11.96 -3.37 15.33
C LYS B 91 -13.42 -3.00 15.45
N GLY B 92 -13.80 -1.91 14.79
CA GLY B 92 -15.10 -1.32 14.97
C GLY B 92 -16.23 -2.18 14.42
N LEU B 93 -16.02 -2.77 13.26
CA LEU B 93 -17.09 -3.56 12.62
C LEU B 93 -17.31 -4.88 13.41
N LEU B 94 -16.23 -5.42 13.96
CA LEU B 94 -16.28 -6.63 14.73
C LEU B 94 -17.02 -6.39 16.05
N GLU B 95 -16.65 -5.32 16.74
CA GLU B 95 -17.25 -4.96 18.03
C GLU B 95 -18.73 -4.62 17.87
N ALA B 96 -19.08 -3.89 16.84
CA ALA B 96 -20.47 -3.45 16.69
C ALA B 96 -21.39 -4.56 16.22
N ASP B 97 -20.99 -5.30 15.21
CA ASP B 97 -21.91 -6.13 14.46
C ASP B 97 -21.42 -7.55 14.20
N GLY B 98 -20.24 -7.90 14.70
CA GLY B 98 -19.67 -9.22 14.45
C GLY B 98 -19.05 -9.40 13.05
N VAL B 99 -19.05 -8.33 12.29
CA VAL B 99 -18.56 -8.32 10.91
C VAL B 99 -17.04 -8.35 10.86
N VAL B 100 -16.53 -9.22 9.99
CA VAL B 100 -15.10 -9.51 9.88
C VAL B 100 -14.54 -8.93 8.58
N VAL B 101 -13.41 -8.23 8.68
CA VAL B 101 -12.64 -7.84 7.51
C VAL B 101 -11.79 -9.03 7.10
N ALA B 102 -12.19 -9.72 6.03
CA ALA B 102 -11.51 -10.96 5.63
C ALA B 102 -10.21 -10.71 4.89
N ALA B 103 -10.19 -9.67 4.08
CA ALA B 103 -9.02 -9.36 3.26
C ALA B 103 -9.02 -7.91 2.80
N LYS B 104 -7.81 -7.43 2.57
CA LYS B 104 -7.53 -6.19 1.88
C LYS B 104 -7.24 -6.57 0.41
N LEU B 105 -7.91 -5.96 -0.57
CA LEU B 105 -7.74 -6.34 -1.95
C LEU B 105 -6.42 -5.84 -2.56
N GLY B 106 -5.93 -4.70 -2.06
CA GLY B 106 -4.68 -4.15 -2.53
C GLY B 106 -4.73 -2.83 -3.26
N PHE B 107 -5.92 -2.24 -3.35
CA PHE B 107 -6.09 -0.98 -4.01
C PHE B 107 -7.03 -0.04 -3.27
N ARG B 108 -6.81 1.25 -3.49
CA ARG B 108 -7.73 2.29 -3.09
C ARG B 108 -8.54 2.79 -4.26
N ASP B 109 -9.84 3.01 -4.05
CA ASP B 109 -10.71 3.69 -4.97
C ASP B 109 -11.32 4.88 -4.23
N ASP B 110 -10.65 6.03 -4.33
CA ASP B 110 -11.11 7.24 -3.62
C ASP B 110 -12.11 8.05 -4.41
N TYR B 111 -12.94 8.77 -3.69
CA TYR B 111 -13.66 9.91 -4.27
C TYR B 111 -12.62 10.99 -4.51
N ALA B 112 -12.72 11.65 -5.66
CA ALA B 112 -11.84 12.74 -6.00
C ALA B 112 -12.65 13.70 -6.84
N LEU B 113 -12.69 14.97 -6.46
CA LEU B 113 -13.48 15.96 -7.20
C LEU B 113 -12.80 16.23 -8.54
N ALA B 114 -13.57 16.21 -9.61
CA ALA B 114 -13.06 16.38 -10.97
C ALA B 114 -13.89 17.40 -11.71
N VAL B 115 -13.20 18.17 -12.54
CA VAL B 115 -13.79 19.16 -13.43
C VAL B 115 -13.23 18.92 -14.82
N ARG B 116 -13.75 19.63 -15.81
CA ARG B 116 -13.23 19.53 -17.18
C ARG B 116 -11.86 20.17 -17.21
N ALA B 117 -10.90 19.51 -17.84
CA ALA B 117 -9.53 20.03 -17.82
C ALA B 117 -9.38 21.41 -18.50
N ASP B 118 -10.11 21.65 -19.57
CA ASP B 118 -9.90 22.92 -20.28
C ASP B 118 -10.41 24.09 -19.40
N TRP B 119 -11.55 23.92 -18.76
CA TRP B 119 -12.05 24.90 -17.78
C TRP B 119 -11.04 25.12 -16.62
N ALA B 120 -10.52 24.04 -16.06
CA ALA B 120 -9.54 24.14 -14.98
C ALA B 120 -8.28 24.92 -15.42
N GLU B 121 -7.78 24.62 -16.60
CA GLU B 121 -6.56 25.29 -17.04
C GLU B 121 -6.88 26.77 -17.28
N GLU B 122 -8.05 27.07 -17.84
CA GLU B 122 -8.38 28.47 -18.12
C GLU B 122 -8.51 29.26 -16.81
N ASN B 123 -8.96 28.60 -15.74
CA ASN B 123 -9.22 29.29 -14.50
C ASN B 123 -8.17 29.09 -13.40
N GLY B 124 -7.06 28.45 -13.75
CA GLY B 124 -6.01 28.16 -12.79
C GLY B 124 -6.49 27.25 -11.66
N VAL B 125 -7.41 26.34 -11.93
CA VAL B 125 -7.91 25.47 -10.86
C VAL B 125 -7.10 24.17 -10.77
N GLU B 126 -6.50 23.91 -9.62
CA GLU B 126 -5.69 22.71 -9.42
C GLU B 126 -6.06 21.97 -8.14
N LYS B 127 -6.63 22.70 -7.17
CA LYS B 127 -7.03 22.08 -5.91
C LYS B 127 -8.45 22.47 -5.52
N ILE B 128 -9.03 21.74 -4.58
CA ILE B 128 -10.44 21.92 -4.24
C ILE B 128 -10.66 23.33 -3.74
N SER B 129 -9.72 23.89 -2.97
CA SER B 129 -9.91 25.25 -2.46
C SER B 129 -9.95 26.31 -3.59
N ASP B 130 -9.41 25.97 -4.77
CA ASP B 130 -9.48 26.87 -5.91
C ASP B 130 -10.92 26.97 -6.44
N LEU B 131 -11.77 26.00 -6.14
CA LEU B 131 -13.18 26.08 -6.54
C LEU B 131 -14.02 27.13 -5.79
N ALA B 132 -13.54 27.59 -4.63
CA ALA B 132 -14.30 28.51 -3.78
C ALA B 132 -14.82 29.72 -4.56
N GLU B 133 -13.96 30.33 -5.36
CA GLU B 133 -14.33 31.46 -6.20
C GLU B 133 -15.55 31.19 -7.10
N PHE B 134 -15.68 29.96 -7.57
CA PHE B 134 -16.67 29.61 -8.58
C PHE B 134 -17.84 28.81 -8.07
N ALA B 135 -17.74 28.29 -6.86
CA ALA B 135 -18.57 27.17 -6.46
C ALA B 135 -20.07 27.42 -6.60
N ASP B 136 -20.52 28.60 -6.18
CA ASP B 136 -21.95 28.85 -6.20
C ASP B 136 -22.47 29.11 -7.63
N GLN B 137 -21.62 28.95 -8.63
CA GLN B 137 -22.08 29.05 -10.04
C GLN B 137 -21.92 27.72 -10.73
N LEU B 138 -21.41 26.71 -10.01
CA LEU B 138 -21.17 25.41 -10.60
C LEU B 138 -22.21 24.36 -10.23
N VAL B 139 -22.54 23.52 -11.19
CA VAL B 139 -23.47 22.41 -10.98
C VAL B 139 -22.70 21.14 -10.62
N PHE B 140 -23.07 20.54 -9.50
CA PHE B 140 -22.44 19.31 -9.01
C PHE B 140 -23.22 18.07 -9.40
N GLY B 141 -22.56 17.12 -10.03
CA GLY B 141 -23.16 15.85 -10.40
C GLY B 141 -22.74 14.68 -9.52
N SER B 142 -23.58 14.35 -8.54
CA SER B 142 -23.30 13.33 -7.59
C SER B 142 -23.71 11.95 -8.11
N ASP B 143 -23.06 10.93 -7.57
CA ASP B 143 -23.55 9.57 -7.60
C ASP B 143 -24.70 9.46 -6.56
N PRO B 144 -25.29 8.29 -6.37
CA PRO B 144 -26.46 8.20 -5.48
C PRO B 144 -26.24 8.55 -4.00
N GLU B 145 -24.97 8.65 -3.59
CA GLU B 145 -24.59 8.70 -2.17
C GLU B 145 -23.80 9.95 -1.72
N PHE B 146 -22.95 10.49 -2.59
CA PHE B 146 -21.97 11.49 -2.18
C PHE B 146 -22.61 12.77 -1.66
N ALA B 147 -23.78 13.14 -2.18
CA ALA B 147 -24.37 14.39 -1.78
C ALA B 147 -24.87 14.37 -0.34
N SER B 148 -25.28 13.19 0.14
CA SER B 148 -25.90 13.06 1.46
C SER B 148 -24.98 12.39 2.50
N ARG B 149 -23.92 11.68 2.06
CA ARG B 149 -23.01 11.01 2.98
C ARG B 149 -22.27 12.02 3.88
N PRO B 150 -21.94 11.64 5.12
CA PRO B 150 -21.24 12.56 6.03
C PRO B 150 -19.82 12.91 5.54
N ASP B 151 -19.22 12.05 4.74
CA ASP B 151 -17.89 12.33 4.13
C ASP B 151 -17.96 12.89 2.71
N GLY B 152 -19.15 13.27 2.27
CA GLY B 152 -19.35 13.86 0.95
C GLY B 152 -19.50 15.37 0.94
N LEU B 153 -20.56 15.83 0.29
CA LEU B 153 -20.75 17.26 0.13
C LEU B 153 -20.85 17.98 1.48
N PRO B 154 -21.48 17.36 2.50
CA PRO B 154 -21.47 17.97 3.84
C PRO B 154 -20.05 18.21 4.37
N GLN B 155 -19.12 17.27 4.16
CA GLN B 155 -17.74 17.45 4.57
C GLN B 155 -16.97 18.48 3.71
N ILE B 156 -17.21 18.52 2.40
CA ILE B 156 -16.68 19.62 1.58
C ILE B 156 -17.17 21.01 2.09
N LYS B 157 -18.45 21.12 2.38
CA LYS B 157 -19.05 22.35 2.86
C LYS B 157 -18.35 22.80 4.14
N LYS B 158 -18.19 21.88 5.09
CA LYS B 158 -17.60 22.17 6.41
C LYS B 158 -16.12 22.50 6.32
N VAL B 159 -15.37 21.67 5.59
CA VAL B 159 -13.92 21.85 5.51
C VAL B 159 -13.54 23.03 4.62
N TYR B 160 -14.18 23.18 3.45
CA TYR B 160 -13.76 24.17 2.48
C TYR B 160 -14.62 25.46 2.52
N GLY B 161 -15.80 25.35 3.10
CA GLY B 161 -16.66 26.51 3.29
C GLY B 161 -17.50 26.92 2.12
N PHE B 162 -17.84 25.99 1.25
CA PHE B 162 -18.69 26.31 0.13
C PHE B 162 -19.62 25.18 -0.26
N GLU B 163 -20.67 25.59 -0.95
CA GLU B 163 -21.68 24.73 -1.53
C GLU B 163 -21.85 25.09 -3.01
N PHE B 164 -22.23 24.10 -3.80
CA PHE B 164 -22.40 24.29 -5.22
C PHE B 164 -23.78 24.88 -5.51
N LYS B 165 -23.93 25.43 -6.70
CA LYS B 165 -25.20 26.07 -7.14
C LYS B 165 -26.38 25.10 -7.13
N GLU B 166 -26.13 23.88 -7.60
CA GLU B 166 -27.18 22.89 -7.78
C GLU B 166 -26.53 21.51 -7.69
N VAL B 167 -27.26 20.56 -7.11
CA VAL B 167 -26.81 19.18 -7.04
C VAL B 167 -27.77 18.29 -7.82
N LYS B 168 -27.25 17.58 -8.81
CA LYS B 168 -27.98 16.52 -9.50
C LYS B 168 -27.45 15.16 -9.03
N GLN B 169 -28.32 14.16 -8.91
CA GLN B 169 -27.88 12.81 -8.56
C GLN B 169 -28.13 11.87 -9.73
N GLU B 171 -26.84 7.59 -11.41
CA GLU B 171 -26.08 6.35 -11.23
C GLU B 171 -24.58 6.62 -11.52
N PRO B 172 -23.68 5.91 -10.84
CA PRO B 172 -22.25 6.21 -10.93
C PRO B 172 -21.72 6.33 -12.36
N THR B 173 -22.05 5.38 -13.22
CA THR B 173 -21.42 5.33 -14.51
C THR B 173 -21.86 6.46 -15.44
N LEU B 174 -22.96 7.13 -15.13
CA LEU B 174 -23.42 8.25 -15.93
C LEU B 174 -22.65 9.56 -15.64
N TYR B 176 -19.55 10.48 -15.77
CA TYR B 176 -18.42 10.81 -16.62
C TYR B 176 -18.88 11.47 -17.95
N GLU B 177 -19.93 10.92 -18.54
CA GLU B 177 -20.44 11.54 -19.76
C GLU B 177 -21.20 12.82 -19.43
N ALA B 178 -21.79 12.90 -18.24
CA ALA B 178 -22.56 14.08 -17.84
C ALA B 178 -21.68 15.29 -17.72
N ILE B 179 -20.50 15.14 -17.14
CA ILE B 179 -19.59 16.26 -16.99
C ILE B 179 -18.92 16.56 -18.32
N LYS B 180 -18.59 15.53 -19.08
CA LYS B 180 -17.97 15.72 -20.41
C LYS B 180 -18.90 16.55 -21.31
N ASN B 181 -20.18 16.24 -21.23
CA ASN B 181 -21.18 16.90 -22.06
C ASN B 181 -21.78 18.16 -21.43
N LYS B 182 -21.18 18.63 -20.32
CA LYS B 182 -21.52 19.90 -19.67
C LYS B 182 -22.91 19.95 -19.04
N GLN B 183 -23.53 18.80 -18.80
CA GLN B 183 -24.74 18.76 -18.02
C GLN B 183 -24.45 19.07 -16.56
N VAL B 184 -23.22 18.80 -16.10
CA VAL B 184 -22.76 19.18 -14.77
C VAL B 184 -21.34 19.70 -14.91
N ASP B 185 -20.78 20.30 -13.87
CA ASP B 185 -19.43 20.89 -13.92
C ASP B 185 -18.42 20.22 -12.99
N VAL B 186 -18.89 19.54 -11.94
CA VAL B 186 -18.03 18.88 -10.96
C VAL B 186 -18.65 17.54 -10.60
N ILE B 187 -17.82 16.48 -10.51
CA ILE B 187 -18.27 15.18 -10.05
C ILE B 187 -17.30 14.63 -9.02
N PRO B 188 -17.82 13.76 -8.14
CA PRO B 188 -16.93 12.97 -7.28
C PRO B 188 -16.50 11.71 -8.02
N ALA B 189 -15.48 11.86 -8.87
CA ALA B 189 -14.99 10.80 -9.70
C ALA B 189 -14.42 9.69 -8.82
N TYR B 190 -14.45 8.47 -9.31
CA TYR B 190 -13.82 7.35 -8.65
C TYR B 190 -12.41 7.19 -9.20
N THR B 191 -11.41 7.15 -8.34
CA THR B 191 -10.03 7.12 -8.84
C THR B 191 -9.61 5.88 -9.60
N THR B 192 -10.38 4.79 -9.55
CA THR B 192 -10.08 3.64 -10.39
C THR B 192 -10.74 3.70 -11.75
N ASP B 193 -11.34 4.82 -12.11
CA ASP B 193 -12.00 4.94 -13.43
C ASP B 193 -11.21 5.78 -14.44
N SER B 194 -10.68 5.13 -15.48
CA SER B 194 -9.82 5.83 -16.43
C SER B 194 -10.64 6.74 -17.35
N ARG B 195 -11.96 6.74 -17.23
CA ARG B 195 -12.71 7.72 -18.00
C ARG B 195 -12.38 9.15 -17.62
N VAL B 196 -11.83 9.35 -16.42
CA VAL B 196 -11.33 10.65 -16.04
C VAL B 196 -10.30 11.16 -17.08
N ASP B 197 -9.31 10.33 -17.41
CA ASP B 197 -8.34 10.68 -18.45
C ASP B 197 -8.97 10.72 -19.85
N LEU B 198 -9.77 9.69 -20.17
CA LEU B 198 -10.28 9.51 -21.53
C LEU B 198 -11.16 10.69 -21.96
N PHE B 199 -11.96 11.21 -21.02
CA PHE B 199 -12.87 12.32 -21.27
C PHE B 199 -12.30 13.70 -20.94
N ASN B 200 -10.99 13.74 -20.73
CA ASN B 200 -10.26 14.97 -20.46
C ASN B 200 -10.67 15.75 -19.20
N LEU B 201 -10.81 15.03 -18.07
CA LEU B 201 -11.22 15.63 -16.82
C LEU B 201 -9.96 15.82 -16.04
N LYS B 202 -10.02 16.68 -15.02
CA LYS B 202 -8.89 16.96 -14.19
C LYS B 202 -9.29 16.69 -12.73
N ILE B 203 -8.64 15.72 -12.08
CA ILE B 203 -8.83 15.51 -10.65
C ILE B 203 -8.12 16.64 -9.88
N LEU B 204 -8.79 17.15 -8.86
CA LEU B 204 -8.24 18.22 -8.06
C LEU B 204 -7.61 17.69 -6.77
N GLU B 205 -6.53 18.34 -6.35
CA GLU B 205 -5.92 18.03 -5.08
C GLU B 205 -6.87 18.34 -3.90
N ASP B 206 -6.97 17.42 -2.94
CA ASP B 206 -7.76 17.63 -1.72
C ASP B 206 -6.83 18.30 -0.69
N ASP B 207 -6.62 19.59 -0.91
CA ASP B 207 -5.53 20.29 -0.23
C ASP B 207 -5.71 20.48 1.26
N LYS B 208 -6.96 20.47 1.73
CA LYS B 208 -7.25 20.56 3.15
C LYS B 208 -7.54 19.22 3.81
N GLY B 209 -7.34 18.14 3.07
CA GLY B 209 -7.49 16.82 3.63
C GLY B 209 -8.91 16.45 4.10
N ALA B 210 -9.92 16.81 3.32
CA ALA B 210 -11.30 16.50 3.73
C ALA B 210 -11.65 15.02 3.62
N LEU B 211 -11.14 14.34 2.61
CA LEU B 211 -11.60 13.00 2.33
C LEU B 211 -10.61 11.94 2.81
N PRO B 212 -11.13 10.87 3.37
CA PRO B 212 -10.33 9.79 3.90
C PRO B 212 -9.82 8.90 2.78
N PRO B 213 -8.92 7.98 3.11
CA PRO B 213 -8.53 6.92 2.18
C PRO B 213 -9.65 5.88 2.10
N TYR B 214 -9.84 5.35 0.91
CA TYR B 214 -10.86 4.34 0.69
C TYR B 214 -10.21 3.06 0.15
N ASP B 215 -9.67 2.25 1.06
CA ASP B 215 -9.01 1.00 0.70
C ASP B 215 -10.07 -0.11 0.59
N ALA B 216 -10.07 -0.83 -0.51
CA ALA B 216 -11.02 -1.90 -0.75
C ALA B 216 -10.76 -3.13 0.14
N ILE B 217 -11.84 -3.59 0.78
CA ILE B 217 -11.79 -4.68 1.73
C ILE B 217 -12.97 -5.64 1.51
N ILE B 218 -12.76 -6.95 1.69
CA ILE B 218 -13.88 -7.89 1.71
C ILE B 218 -14.42 -8.02 3.13
N ILE B 219 -15.69 -7.70 3.33
CA ILE B 219 -16.27 -7.88 4.66
C ILE B 219 -17.32 -8.97 4.66
N VAL B 220 -17.38 -9.71 5.77
CA VAL B 220 -18.19 -10.91 5.85
C VAL B 220 -18.97 -10.89 7.17
N ASN B 221 -20.22 -11.37 7.19
CA ASN B 221 -20.98 -11.36 8.46
C ASN B 221 -20.48 -12.44 9.41
N GLY B 222 -20.89 -12.32 10.68
CA GLY B 222 -20.34 -13.14 11.74
C GLY B 222 -20.52 -14.63 11.52
N ASN B 223 -21.69 -15.00 11.05
CA ASN B 223 -22.00 -16.40 10.91
C ASN B 223 -21.19 -17.01 9.76
N THR B 224 -21.09 -16.28 8.65
CA THR B 224 -20.32 -16.75 7.50
C THR B 224 -18.83 -16.88 7.88
N ALA B 225 -18.36 -16.00 8.73
CA ALA B 225 -16.95 -15.96 9.09
C ALA B 225 -16.48 -17.12 9.95
N LYS B 226 -17.44 -17.79 10.59
CA LYS B 226 -17.16 -19.05 11.32
C LYS B 226 -16.65 -20.14 10.37
N ASP B 227 -16.87 -19.97 9.07
CA ASP B 227 -16.44 -20.94 8.06
C ASP B 227 -15.00 -20.67 7.65
N GLU B 228 -14.08 -21.40 8.26
CA GLU B 228 -12.65 -21.15 8.09
C GLU B 228 -12.19 -21.42 6.64
N LYS B 229 -12.79 -22.41 5.98
CA LYS B 229 -12.43 -22.74 4.62
C LYS B 229 -12.81 -21.59 3.67
N LEU B 230 -14.02 -21.05 3.86
CA LEU B 230 -14.51 -19.89 3.11
C LEU B 230 -13.61 -18.68 3.30
N ILE B 231 -13.28 -18.36 4.55
CA ILE B 231 -12.39 -17.23 4.83
C ILE B 231 -11.04 -17.39 4.15
N SER B 232 -10.47 -18.60 4.18
CA SER B 232 -9.17 -18.84 3.55
C SER B 232 -9.22 -18.69 2.01
N VAL B 233 -10.37 -18.93 1.41
CA VAL B 233 -10.53 -18.68 -0.02
C VAL B 233 -10.50 -17.17 -0.28
N LEU B 234 -11.18 -16.41 0.56
CA LEU B 234 -11.22 -14.96 0.37
C LEU B 234 -9.80 -14.37 0.55
N LYS B 235 -8.97 -14.98 1.39
CA LYS B 235 -7.63 -14.46 1.69
C LYS B 235 -6.62 -14.69 0.55
N LEU B 236 -6.98 -15.53 -0.40
CA LEU B 236 -6.19 -15.73 -1.59
C LEU B 236 -6.07 -14.42 -2.38
N LEU B 237 -7.04 -13.50 -2.19
CA LEU B 237 -7.02 -12.21 -2.89
C LEU B 237 -6.29 -11.10 -2.11
N GLU B 238 -5.73 -11.42 -0.92
CA GLU B 238 -5.02 -10.44 -0.11
C GLU B 238 -3.95 -9.74 -0.94
N ASP B 239 -4.09 -8.41 -1.03
CA ASP B 239 -3.19 -7.50 -1.75
C ASP B 239 -2.95 -7.84 -3.24
N ARG B 240 -3.78 -8.69 -3.84
CA ARG B 240 -3.51 -9.15 -5.21
C ARG B 240 -3.92 -8.18 -6.32
N ILE B 241 -4.78 -7.20 -6.01
CA ILE B 241 -5.28 -6.25 -7.01
C ILE B 241 -4.84 -4.82 -6.68
N ASP B 242 -3.85 -4.29 -7.41
CA ASP B 242 -3.46 -2.91 -7.19
C ASP B 242 -4.34 -1.94 -8.02
N THR B 243 -4.11 -0.65 -7.86
CA THR B 243 -4.95 0.37 -8.53
C THR B 243 -4.87 0.36 -10.05
N ASP B 244 -3.69 0.17 -10.61
CA ASP B 244 -3.55 0.11 -12.06
C ASP B 244 -4.20 -1.14 -12.63
N THR B 245 -4.18 -2.24 -11.89
CA THR B 245 -4.92 -3.43 -12.30
C THR B 245 -6.40 -3.20 -12.25
N ARG B 247 -8.07 -0.43 -12.39
CA ARG B 247 -8.38 0.49 -13.46
C ARG B 247 -8.48 -0.19 -14.83
N ALA B 248 -7.52 -1.05 -15.15
CA ALA B 248 -7.52 -1.76 -16.43
C ALA B 248 -8.74 -2.70 -16.55
N LEU B 249 -9.08 -3.38 -15.46
CA LEU B 249 -10.26 -4.28 -15.46
C LEU B 249 -11.57 -3.49 -15.60
N ASN B 250 -11.65 -2.35 -14.93
CA ASN B 250 -12.77 -1.41 -15.05
C ASN B 250 -12.96 -0.89 -16.50
N TYR B 251 -11.86 -0.58 -17.17
CA TYR B 251 -11.86 -0.14 -18.56
C TYR B 251 -12.47 -1.24 -19.45
N GLN B 252 -12.12 -2.47 -19.19
CA GLN B 252 -12.67 -3.59 -19.96
C GLN B 252 -14.17 -3.66 -19.81
N TYR B 253 -14.68 -3.25 -18.65
CA TYR B 253 -16.11 -3.22 -18.39
C TYR B 253 -16.78 -2.00 -18.99
N ASP B 254 -16.27 -0.79 -18.69
CA ASP B 254 -16.99 0.42 -19.07
C ASP B 254 -16.83 0.84 -20.54
N VAL B 255 -15.64 0.59 -21.09
CA VAL B 255 -15.33 0.99 -22.45
C VAL B 255 -15.40 -0.21 -23.40
N GLU B 256 -14.79 -1.34 -23.05
CA GLU B 256 -14.80 -2.49 -23.96
C GLU B 256 -16.13 -3.25 -23.91
N LYS B 257 -16.93 -3.00 -22.88
CA LYS B 257 -18.26 -3.59 -22.70
C LYS B 257 -18.23 -5.09 -22.50
N LYS B 258 -17.16 -5.59 -21.89
CA LYS B 258 -17.04 -7.00 -21.61
C LYS B 258 -17.85 -7.32 -20.36
N ASP B 259 -18.32 -8.56 -20.30
CA ASP B 259 -19.10 -9.07 -19.19
C ASP B 259 -18.24 -9.12 -17.89
N ALA B 260 -18.80 -8.73 -16.76
CA ALA B 260 -18.03 -8.72 -15.52
C ALA B 260 -17.46 -10.09 -15.19
N ARG B 261 -18.23 -11.15 -15.38
CA ARG B 261 -17.74 -12.50 -15.07
C ARG B 261 -16.55 -12.89 -15.96
N GLU B 262 -16.62 -12.51 -17.23
CA GLU B 262 -15.54 -12.85 -18.15
C GLU B 262 -14.25 -12.05 -17.83
N ILE B 263 -14.41 -10.80 -17.39
CA ILE B 263 -13.26 -9.97 -17.00
C ILE B 263 -12.57 -10.59 -15.80
N ALA B 264 -13.35 -11.01 -14.83
CA ALA B 264 -12.82 -11.62 -13.60
C ALA B 264 -12.16 -12.96 -13.89
N SER B 266 -10.76 -13.95 -16.73
CA SER B 266 -9.48 -13.73 -17.41
C SER B 266 -8.37 -13.29 -16.44
N PHE B 267 -8.69 -12.46 -15.46
CA PHE B 267 -7.68 -12.04 -14.47
C PHE B 267 -7.26 -13.23 -13.61
N LEU B 268 -8.23 -14.02 -13.14
CA LEU B 268 -7.90 -15.14 -12.28
C LEU B 268 -7.00 -16.16 -13.00
N LYS B 269 -7.28 -16.44 -14.27
CA LYS B 269 -6.41 -17.33 -15.06
C LYS B 269 -5.00 -16.79 -15.31
N GLU B 270 -4.88 -15.50 -15.66
CA GLU B 270 -3.57 -14.90 -15.91
C GLU B 270 -2.71 -14.91 -14.64
N GLN B 271 -3.34 -14.73 -13.49
CA GLN B 271 -2.65 -14.67 -12.22
C GLN B 271 -2.40 -16.06 -11.65
N GLY B 272 -2.89 -17.10 -12.32
CA GLY B 272 -2.68 -18.47 -11.89
C GLY B 272 -3.61 -18.92 -10.78
N LEU B 273 -4.60 -18.13 -10.45
CA LEU B 273 -5.48 -18.50 -9.33
C LEU B 273 -6.55 -19.51 -9.75
N VAL B 274 -6.80 -19.63 -11.04
CA VAL B 274 -7.67 -20.68 -11.59
C VAL B 274 -7.00 -21.26 -12.85
N LYS B 275 -7.35 -22.50 -13.18
CA LYS B 275 -6.66 -23.26 -14.24
C LYS B 275 -5.15 -23.11 -14.06
#